data_3BRS
#
_entry.id   3BRS
#
_cell.length_a   68.620
_cell.length_b   54.700
_cell.length_c   90.240
_cell.angle_alpha   90.00
_cell.angle_beta   111.78
_cell.angle_gamma   90.00
#
_symmetry.space_group_name_H-M   'P 1 21 1'
#
loop_
_entity.id
_entity.type
_entity.pdbx_description
1 polymer 'Periplasmic binding protein/LacI transcriptional regulator'
2 water water
#
_entity_poly.entity_id   1
_entity_poly.type   'polypeptide(L)'
_entity_poly.pdbx_seq_one_letter_code
;MSLKQYYMICIPKVLDDSSDFWSVLVEGAQMAAKEYEIKLEFMAPEKEEDYLVQNELIEEAIKRKPDVILLAAADYEKTY
DAAKEIKDAGIKLIVIDSGMKQDIADITVATDNIQAGIRIGAVTKNLVRKSGKIGVISFVKNSKTAMDREEGLKIGLSDD
SNKIEAIYYCDSNYDKAYDGTVELLTKYPDISVMVGLNQYSATGAARAIKDMSLEAKVKLVCIDSSMEQIQYLEEGIFEA
MVVQKPFNIGYLGVEKALKLLKKEYVPKQLDSGCALITKDNEGHHHHHH
;
_entity_poly.pdbx_strand_id   A,B
#
# COMPACT_ATOMS: atom_id res chain seq x y z
N GLN A 5 -26.69 -6.32 28.43
CA GLN A 5 -26.44 -6.74 27.01
C GLN A 5 -25.01 -6.50 26.61
N TYR A 6 -24.44 -7.48 25.92
CA TYR A 6 -23.13 -7.35 25.30
C TYR A 6 -23.14 -6.35 24.16
N TYR A 7 -22.09 -5.50 24.12
CA TYR A 7 -21.90 -4.49 23.07
C TYR A 7 -20.68 -4.88 22.17
N MET A 8 -20.96 -5.14 20.90
CA MET A 8 -19.99 -5.61 19.88
C MET A 8 -19.93 -4.63 18.71
N ILE A 9 -18.75 -4.32 18.21
CA ILE A 9 -18.73 -3.40 17.03
C ILE A 9 -18.07 -4.15 15.91
N CYS A 10 -18.76 -4.26 14.78
CA CYS A 10 -18.19 -4.94 13.59
C CYS A 10 -17.53 -3.94 12.63
N ILE A 11 -16.31 -4.22 12.17
CA ILE A 11 -15.59 -3.28 11.29
C ILE A 11 -15.22 -4.00 10.07
N PRO A 12 -16.13 -4.07 9.10
CA PRO A 12 -15.76 -4.73 7.82
C PRO A 12 -14.72 -3.89 7.03
N LYS A 13 -14.23 -4.38 5.90
CA LYS A 13 -13.29 -3.59 5.10
C LYS A 13 -14.05 -2.49 4.40
N VAL A 14 -15.31 -2.79 3.99
CA VAL A 14 -16.31 -1.82 3.52
C VAL A 14 -17.74 -2.28 3.86
N LEU A 15 -18.67 -1.34 3.86
CA LEU A 15 -20.10 -1.62 3.84
C LEU A 15 -20.65 -1.20 2.48
N ASP A 16 -20.43 -1.98 1.44
CA ASP A 16 -20.70 -1.56 0.08
C ASP A 16 -22.13 -1.94 -0.22
N ASP A 17 -22.43 -3.23 -0.26
CA ASP A 17 -23.81 -3.64 -0.46
C ASP A 17 -24.39 -3.59 -1.90
N SER A 18 -23.60 -3.12 -2.86
CA SER A 18 -23.64 -3.71 -4.18
C SER A 18 -22.75 -4.96 -4.06
N SER A 19 -21.93 -4.99 -3.00
CA SER A 19 -21.08 -6.16 -2.67
C SER A 19 -21.91 -7.31 -2.06
N ASP A 20 -21.87 -8.48 -2.65
CA ASP A 20 -22.70 -9.47 -2.13
C ASP A 20 -21.98 -10.21 -0.99
N PHE A 21 -20.65 -10.10 -0.92
CA PHE A 21 -19.91 -10.63 0.25
C PHE A 21 -20.19 -9.77 1.49
N TRP A 22 -19.93 -8.47 1.40
CA TRP A 22 -20.04 -7.64 2.57
C TRP A 22 -21.46 -7.56 3.00
N SER A 23 -22.38 -7.59 2.05
CA SER A 23 -23.81 -7.50 2.40
C SER A 23 -24.26 -8.68 3.20
N VAL A 24 -23.90 -9.88 2.79
CA VAL A 24 -24.38 -11.09 3.45
C VAL A 24 -23.70 -11.37 4.81
N LEU A 25 -22.41 -10.97 4.93
CA LEU A 25 -21.63 -11.08 6.18
C LEU A 25 -22.35 -10.27 7.22
N VAL A 26 -22.77 -9.10 6.83
CA VAL A 26 -23.51 -8.20 7.74
C VAL A 26 -24.80 -8.88 8.14
N GLU A 27 -25.53 -9.45 7.19
CA GLU A 27 -26.76 -10.18 7.53
C GLU A 27 -26.51 -11.28 8.47
N GLY A 28 -25.41 -12.05 8.28
CA GLY A 28 -25.20 -13.14 9.21
C GLY A 28 -24.90 -12.68 10.63
N ALA A 29 -24.12 -11.62 10.80
CA ALA A 29 -23.79 -11.14 12.11
C ALA A 29 -25.03 -10.44 12.76
N GLN A 30 -25.81 -9.73 11.98
CA GLN A 30 -27.03 -9.18 12.54
C GLN A 30 -28.03 -10.26 12.89
N MET A 31 -28.02 -11.41 12.18
CA MET A 31 -28.87 -12.53 12.60
C MET A 31 -28.41 -13.19 13.92
N ALA A 32 -27.15 -13.53 14.01
CA ALA A 32 -26.60 -13.89 15.34
C ALA A 32 -26.94 -12.84 16.48
N ALA A 33 -26.73 -11.54 16.26
CA ALA A 33 -27.03 -10.51 17.32
C ALA A 33 -28.48 -10.51 17.73
N LYS A 34 -29.32 -10.73 16.72
CA LYS A 34 -30.77 -10.91 16.94
C LYS A 34 -30.97 -12.14 17.81
N GLU A 35 -30.35 -13.25 17.43
CA GLU A 35 -30.63 -14.55 18.04
C GLU A 35 -30.14 -14.57 19.47
N TYR A 36 -29.05 -13.85 19.72
CA TYR A 36 -28.44 -13.79 21.03
C TYR A 36 -28.68 -12.49 21.83
N GLU A 37 -29.51 -11.56 21.30
CA GLU A 37 -29.82 -10.32 22.03
C GLU A 37 -28.53 -9.50 22.28
N ILE A 38 -27.85 -9.13 21.20
CA ILE A 38 -26.56 -8.48 21.32
C ILE A 38 -26.74 -7.06 20.79
N LYS A 39 -26.10 -6.07 21.41
CA LYS A 39 -26.08 -4.77 20.77
C LYS A 39 -24.90 -4.73 19.77
N LEU A 40 -25.16 -4.52 18.47
CA LEU A 40 -24.13 -4.62 17.39
C LEU A 40 -24.16 -3.34 16.54
N GLU A 41 -23.03 -2.61 16.50
CA GLU A 41 -22.90 -1.51 15.56
C GLU A 41 -21.90 -1.94 14.41
N PHE A 42 -22.04 -1.36 13.19
CA PHE A 42 -21.04 -1.44 12.08
C PHE A 42 -20.36 -0.09 11.77
N MET A 43 -19.09 -0.12 11.47
CA MET A 43 -18.31 1.07 11.15
C MET A 43 -17.41 0.54 10.02
N ALA A 44 -17.17 1.30 8.93
CA ALA A 44 -16.37 0.78 7.83
C ALA A 44 -16.00 2.01 7.04
N PRO A 45 -14.82 1.97 6.38
CA PRO A 45 -14.50 3.09 5.45
C PRO A 45 -15.36 2.94 4.21
N GLU A 46 -15.14 3.85 3.29
CA GLU A 46 -15.89 3.82 2.07
C GLU A 46 -15.27 2.99 1.02
N LYS A 47 -13.99 2.68 1.20
CA LYS A 47 -13.24 1.86 0.25
C LYS A 47 -12.48 0.80 0.97
N GLU A 48 -12.41 -0.41 0.41
CA GLU A 48 -11.62 -1.56 0.96
C GLU A 48 -10.19 -1.32 1.32
N GLU A 49 -9.55 -0.48 0.53
CA GLU A 49 -8.11 -0.32 0.69
C GLU A 49 -7.76 0.81 1.61
N ASP A 50 -8.77 1.54 2.12
CA ASP A 50 -8.45 2.70 2.93
C ASP A 50 -8.06 2.29 4.36
N TYR A 51 -6.95 1.63 4.52
CA TYR A 51 -6.58 1.19 5.91
C TYR A 51 -6.39 2.38 6.89
N LEU A 52 -6.17 3.60 6.41
CA LEU A 52 -5.74 4.66 7.34
C LEU A 52 -7.03 5.10 8.08
N VAL A 53 -8.10 4.95 7.32
CA VAL A 53 -9.42 5.34 7.74
C VAL A 53 -9.99 4.24 8.55
N GLN A 54 -9.69 3.03 8.16
CA GLN A 54 -10.05 1.86 9.03
C GLN A 54 -9.38 1.88 10.38
N ASN A 55 -8.09 2.23 10.39
CA ASN A 55 -7.38 2.48 11.67
C ASN A 55 -7.99 3.57 12.55
N GLU A 56 -8.39 4.67 11.96
CA GLU A 56 -9.13 5.72 12.70
C GLU A 56 -10.40 5.18 13.31
N LEU A 57 -11.18 4.41 12.55
CA LEU A 57 -12.47 3.78 12.99
C LEU A 57 -12.23 2.78 14.11
N ILE A 58 -11.13 2.00 14.04
CA ILE A 58 -10.79 1.17 15.20
C ILE A 58 -10.50 2.00 16.41
N GLU A 59 -9.67 3.05 16.28
CA GLU A 59 -9.43 3.87 17.44
C GLU A 59 -10.79 4.38 18.05
N GLU A 60 -11.67 4.89 17.17
CA GLU A 60 -13.02 5.36 17.53
C GLU A 60 -13.83 4.20 18.18
N ALA A 61 -13.69 2.98 17.65
CA ALA A 61 -14.38 1.76 18.16
C ALA A 61 -13.99 1.53 19.63
N ILE A 62 -12.69 1.57 19.88
CA ILE A 62 -12.10 1.41 21.21
C ILE A 62 -12.64 2.44 22.19
N LYS A 63 -12.72 3.71 21.80
CA LYS A 63 -13.36 4.73 22.66
C LYS A 63 -14.85 4.57 22.89
N ARG A 64 -15.55 3.79 22.08
CA ARG A 64 -16.95 3.44 22.43
C ARG A 64 -17.08 2.38 23.51
N LYS A 65 -15.99 1.76 23.96
CA LYS A 65 -16.01 0.74 25.11
C LYS A 65 -17.01 -0.41 24.79
N PRO A 66 -16.85 -1.02 23.64
CA PRO A 66 -17.58 -2.30 23.35
C PRO A 66 -16.90 -3.48 24.12
N ASP A 67 -17.55 -4.63 24.17
CA ASP A 67 -16.99 -5.82 24.76
C ASP A 67 -16.09 -6.54 23.73
N VAL A 68 -16.42 -6.35 22.46
CA VAL A 68 -15.80 -7.12 21.35
CA VAL A 68 -15.73 -7.09 21.39
C VAL A 68 -15.69 -6.23 20.15
N ILE A 69 -14.60 -6.34 19.41
CA ILE A 69 -14.60 -5.69 18.08
C ILE A 69 -14.37 -6.82 17.09
N LEU A 70 -15.19 -6.91 16.04
CA LEU A 70 -14.92 -7.88 14.97
C LEU A 70 -14.27 -7.14 13.79
N LEU A 71 -13.19 -7.65 13.20
CA LEU A 71 -12.44 -6.76 12.38
C LEU A 71 -12.02 -7.52 11.18
N ALA A 72 -12.29 -6.95 9.99
CA ALA A 72 -11.73 -7.52 8.73
C ALA A 72 -10.59 -6.57 8.40
N ALA A 73 -9.34 -7.05 8.54
CA ALA A 73 -8.18 -6.14 8.56
C ALA A 73 -7.93 -5.67 7.15
N ALA A 74 -7.93 -4.37 6.94
CA ALA A 74 -7.65 -3.87 5.57
C ALA A 74 -6.24 -4.22 5.07
N ASP A 75 -5.28 -4.23 5.96
CA ASP A 75 -3.89 -4.38 5.58
C ASP A 75 -3.22 -5.42 6.48
N TYR A 76 -2.56 -6.37 5.84
CA TYR A 76 -1.93 -7.46 6.52
C TYR A 76 -0.89 -6.99 7.55
N GLU A 77 -0.14 -5.93 7.23
CA GLU A 77 0.86 -5.36 8.20
C GLU A 77 0.48 -4.08 9.00
N LYS A 78 -0.41 -3.24 8.45
CA LYS A 78 -0.59 -1.86 8.98
C LYS A 78 -1.80 -1.63 9.80
N THR A 79 -2.83 -2.48 9.61
CA THR A 79 -3.98 -2.54 10.49
C THR A 79 -3.64 -2.64 12.04
N TYR A 80 -2.62 -3.43 12.31
CA TYR A 80 -2.11 -3.68 13.63
C TYR A 80 -1.70 -2.31 14.19
N ASP A 81 -1.32 -1.35 13.38
CA ASP A 81 -0.93 -0.07 13.99
C ASP A 81 -2.02 0.43 14.91
N ALA A 82 -3.25 0.01 14.65
CA ALA A 82 -4.34 0.57 15.42
C ALA A 82 -4.92 -0.57 16.19
N ALA A 83 -5.00 -1.74 15.56
CA ALA A 83 -5.59 -2.91 16.30
C ALA A 83 -4.76 -3.49 17.47
N LYS A 84 -3.48 -3.10 17.54
CA LYS A 84 -2.62 -3.49 18.66
C LYS A 84 -3.12 -2.90 19.98
N GLU A 85 -3.92 -1.83 19.90
CA GLU A 85 -4.47 -1.10 21.09
C GLU A 85 -5.75 -1.72 21.60
N ILE A 86 -6.41 -2.58 20.82
CA ILE A 86 -7.66 -3.26 21.21
C ILE A 86 -7.52 -4.11 22.46
N LYS A 87 -6.49 -4.99 22.56
CA LYS A 87 -6.31 -5.95 23.73
C LYS A 87 -6.27 -5.24 25.07
N ASP A 88 -5.43 -4.22 25.09
CA ASP A 88 -5.10 -3.41 26.23
C ASP A 88 -6.18 -2.45 26.62
N ALA A 89 -7.21 -2.32 25.78
CA ALA A 89 -8.38 -1.57 26.16
C ALA A 89 -9.30 -2.56 26.84
N GLY A 90 -8.92 -3.82 26.95
CA GLY A 90 -9.92 -4.75 27.61
C GLY A 90 -11.01 -5.30 26.71
N ILE A 91 -10.79 -5.12 25.42
CA ILE A 91 -11.73 -5.61 24.36
C ILE A 91 -11.25 -6.91 23.67
N LYS A 92 -12.20 -7.82 23.46
CA LYS A 92 -11.99 -9.06 22.70
C LYS A 92 -11.85 -8.74 21.19
N LEU A 93 -10.90 -9.37 20.51
CA LEU A 93 -10.76 -9.19 19.10
C LEU A 93 -11.13 -10.50 18.39
N ILE A 94 -12.16 -10.49 17.58
CA ILE A 94 -12.41 -11.51 16.52
C ILE A 94 -11.95 -11.00 15.18
N VAL A 95 -11.07 -11.73 14.53
CA VAL A 95 -10.78 -11.38 13.14
C VAL A 95 -11.74 -12.13 12.20
N ILE A 96 -12.46 -11.40 11.32
CA ILE A 96 -13.32 -12.03 10.34
C ILE A 96 -12.79 -11.81 8.86
N ASP A 97 -12.88 -12.83 8.01
CA ASP A 97 -12.42 -12.70 6.61
C ASP A 97 -10.91 -12.53 6.40
N SER A 98 -10.23 -11.55 7.01
CA SER A 98 -8.90 -11.14 6.51
C SER A 98 -8.01 -10.82 7.64
N GLY A 99 -6.97 -11.65 7.83
CA GLY A 99 -6.13 -11.52 9.04
C GLY A 99 -4.98 -10.51 8.96
N MET A 100 -4.30 -10.38 10.10
CA MET A 100 -3.00 -9.69 10.24
C MET A 100 -1.79 -10.72 10.36
N LYS A 101 -0.58 -10.21 10.03
CA LYS A 101 0.68 -10.87 10.18
C LYS A 101 0.94 -11.01 11.65
N GLN A 102 0.43 -10.06 12.44
CA GLN A 102 0.68 -10.07 13.90
C GLN A 102 -0.38 -10.95 14.57
N ASP A 103 0.05 -11.77 15.53
CA ASP A 103 -0.84 -12.79 16.05
C ASP A 103 -1.67 -12.26 17.21
N ILE A 104 -2.54 -11.29 16.93
CA ILE A 104 -3.33 -10.74 18.03
C ILE A 104 -4.79 -11.14 18.11
N ALA A 105 -5.34 -11.84 17.10
CA ALA A 105 -6.76 -12.25 17.17
C ALA A 105 -6.99 -13.19 18.28
N ASP A 106 -8.08 -13.02 19.00
CA ASP A 106 -8.55 -14.01 19.97
C ASP A 106 -9.15 -15.21 19.21
N ILE A 107 -9.95 -14.95 18.19
CA ILE A 107 -10.32 -15.99 17.21
C ILE A 107 -10.33 -15.40 15.79
N THR A 108 -9.94 -16.19 14.79
CA THR A 108 -10.12 -15.84 13.36
C THR A 108 -11.18 -16.71 12.63
N VAL A 109 -12.24 -16.13 12.05
CA VAL A 109 -13.18 -16.91 11.23
C VAL A 109 -13.00 -16.52 9.78
N ALA A 110 -12.56 -17.44 8.91
CA ALA A 110 -12.35 -17.03 7.51
C ALA A 110 -12.50 -18.17 6.60
N THR A 111 -12.43 -17.90 5.30
CA THR A 111 -12.25 -19.02 4.33
C THR A 111 -10.79 -19.44 4.37
N ASP A 112 -10.51 -20.70 4.06
CA ASP A 112 -9.15 -21.09 3.64
C ASP A 112 -8.92 -20.48 2.24
N ASN A 113 -8.17 -19.36 2.20
CA ASN A 113 -7.98 -18.59 0.91
C ASN A 113 -6.93 -19.21 0.02
N ILE A 114 -6.01 -19.89 0.69
CA ILE A 114 -4.96 -20.60 -0.01
C ILE A 114 -5.65 -21.72 -0.73
N GLN A 115 -6.40 -22.53 -0.05
CA GLN A 115 -7.09 -23.62 -0.78
C GLN A 115 -8.07 -23.15 -1.80
N ALA A 116 -8.82 -22.06 -1.52
CA ALA A 116 -9.58 -21.44 -2.63
C ALA A 116 -8.76 -21.12 -3.93
N GLY A 117 -7.61 -20.40 -3.85
CA GLY A 117 -6.89 -20.12 -5.04
C GLY A 117 -6.30 -21.39 -5.63
N ILE A 118 -5.81 -22.31 -4.78
CA ILE A 118 -5.41 -23.63 -5.26
C ILE A 118 -6.51 -24.33 -6.06
N ARG A 119 -7.77 -24.31 -5.63
CA ARG A 119 -8.75 -25.11 -6.43
C ARG A 119 -9.01 -24.37 -7.74
N ILE A 120 -9.09 -23.08 -7.70
CA ILE A 120 -9.26 -22.32 -8.97
C ILE A 120 -7.94 -22.43 -9.84
N GLY A 121 -6.74 -22.51 -9.20
CA GLY A 121 -5.50 -22.77 -9.97
C GLY A 121 -5.59 -24.05 -10.76
N ALA A 122 -6.14 -25.07 -10.11
CA ALA A 122 -6.21 -26.41 -10.74
C ALA A 122 -7.20 -26.44 -11.86
N VAL A 123 -8.32 -25.75 -11.73
CA VAL A 123 -9.24 -25.60 -12.88
C VAL A 123 -8.50 -24.92 -14.08
N THR A 124 -7.76 -23.85 -13.78
CA THR A 124 -7.07 -23.03 -14.77
C THR A 124 -5.99 -23.83 -15.45
N LYS A 125 -5.25 -24.65 -14.70
CA LYS A 125 -4.25 -25.57 -15.29
C LYS A 125 -4.90 -26.46 -16.31
N ASN A 126 -6.08 -27.00 -16.02
CA ASN A 126 -6.70 -27.83 -17.04
C ASN A 126 -7.12 -27.00 -18.29
N LEU A 127 -7.57 -25.75 -18.11
CA LEU A 127 -7.95 -24.95 -19.30
C LEU A 127 -6.82 -24.60 -20.27
N VAL A 128 -5.63 -24.35 -19.74
CA VAL A 128 -4.46 -24.04 -20.57
C VAL A 128 -3.54 -25.31 -20.83
N ARG A 129 -4.15 -26.50 -20.73
CA ARG A 129 -3.49 -27.79 -20.99
C ARG A 129 -2.77 -27.86 -22.33
N LYS A 130 -3.43 -27.39 -23.37
CA LYS A 130 -2.86 -27.48 -24.70
C LYS A 130 -2.11 -26.19 -24.95
N SER A 131 -2.75 -25.08 -24.57
CA SER A 131 -2.18 -23.76 -24.74
C SER A 131 -3.08 -22.70 -24.16
N GLY A 132 -2.59 -21.48 -24.20
CA GLY A 132 -3.27 -20.31 -23.65
C GLY A 132 -2.33 -19.80 -22.58
N LYS A 133 -2.40 -18.51 -22.30
CA LYS A 133 -1.73 -17.91 -21.17
C LYS A 133 -2.84 -17.32 -20.30
N ILE A 134 -2.48 -16.61 -19.25
CA ILE A 134 -3.41 -16.40 -18.16
C ILE A 134 -3.28 -14.98 -17.72
N GLY A 135 -4.41 -14.28 -17.57
CA GLY A 135 -4.27 -12.95 -16.94
C GLY A 135 -4.98 -12.96 -15.62
N VAL A 136 -4.41 -12.26 -14.64
CA VAL A 136 -5.08 -12.15 -13.34
C VAL A 136 -5.47 -10.73 -12.93
N ILE A 137 -6.71 -10.61 -12.50
CA ILE A 137 -7.17 -9.39 -11.83
C ILE A 137 -7.36 -9.72 -10.34
N SER A 138 -6.46 -9.09 -9.58
CA SER A 138 -6.53 -9.08 -8.13
C SER A 138 -7.16 -7.79 -7.63
N PHE A 139 -7.30 -7.73 -6.33
CA PHE A 139 -7.94 -6.65 -5.66
C PHE A 139 -6.90 -5.83 -4.83
N VAL A 140 -6.80 -6.08 -3.51
CA VAL A 140 -5.97 -5.14 -2.67
C VAL A 140 -4.79 -5.92 -2.30
N LYS A 141 -3.66 -5.60 -2.95
CA LYS A 141 -2.45 -6.42 -2.91
C LYS A 141 -1.98 -6.75 -1.50
N ASN A 142 -2.22 -5.83 -0.58
CA ASN A 142 -1.71 -6.04 0.75
C ASN A 142 -2.66 -6.60 1.71
N SER A 143 -3.88 -7.01 1.30
CA SER A 143 -4.77 -7.62 2.26
C SER A 143 -4.40 -9.01 2.26
N LYS A 144 -4.57 -9.72 3.37
CA LYS A 144 -4.18 -11.08 3.50
C LYS A 144 -5.03 -12.03 2.62
N THR A 145 -6.32 -11.71 2.42
CA THR A 145 -7.17 -12.58 1.51
C THR A 145 -6.65 -12.48 0.03
N ALA A 146 -6.19 -11.30 -0.44
CA ALA A 146 -5.59 -11.24 -1.83
C ALA A 146 -4.33 -12.07 -1.94
N MET A 147 -3.43 -11.90 -0.95
CA MET A 147 -2.18 -12.65 -0.89
C MET A 147 -2.39 -14.10 -0.87
N ASP A 148 -3.31 -14.61 -0.06
CA ASP A 148 -3.51 -16.06 0.10
C ASP A 148 -4.09 -16.66 -1.21
N ARG A 149 -5.01 -15.96 -1.82
CA ARG A 149 -5.61 -16.30 -3.12
C ARG A 149 -4.65 -16.40 -4.28
N GLU A 150 -3.72 -15.44 -4.38
CA GLU A 150 -2.77 -15.40 -5.46
C GLU A 150 -1.68 -16.51 -5.24
N GLU A 151 -1.28 -16.71 -4.00
CA GLU A 151 -0.38 -17.84 -3.59
C GLU A 151 -0.96 -19.18 -3.86
N GLY A 152 -2.20 -19.36 -3.39
CA GLY A 152 -3.02 -20.53 -3.79
C GLY A 152 -3.06 -20.75 -5.24
N LEU A 153 -3.50 -19.74 -6.00
CA LEU A 153 -3.54 -19.81 -7.44
C LEU A 153 -2.31 -20.44 -8.12
N LYS A 154 -1.11 -19.92 -7.79
CA LYS A 154 0.15 -20.27 -8.32
C LYS A 154 0.52 -21.68 -7.91
N ILE A 155 0.35 -22.02 -6.64
CA ILE A 155 0.39 -23.43 -6.21
C ILE A 155 -0.51 -24.36 -7.01
N GLY A 156 -1.78 -24.05 -7.16
CA GLY A 156 -2.60 -24.98 -7.94
C GLY A 156 -2.20 -25.04 -9.42
N LEU A 157 -1.37 -24.09 -9.90
CA LEU A 157 -0.95 -24.12 -11.35
C LEU A 157 0.30 -24.98 -11.57
N SER A 158 1.06 -25.24 -10.48
CA SER A 158 2.24 -26.15 -10.51
C SER A 158 3.27 -25.55 -11.46
N ASP A 159 3.70 -26.42 -12.41
CA ASP A 159 4.63 -26.06 -13.49
C ASP A 159 4.07 -24.93 -14.39
N ASP A 160 2.80 -25.05 -14.75
CA ASP A 160 2.09 -23.99 -15.46
C ASP A 160 1.97 -22.57 -14.83
N SER A 161 2.64 -22.29 -13.72
CA SER A 161 2.42 -20.98 -13.06
C SER A 161 3.17 -19.84 -13.78
N ASN A 162 4.13 -20.20 -14.62
CA ASN A 162 4.79 -19.29 -15.53
C ASN A 162 3.84 -18.85 -16.71
N LYS A 163 2.69 -19.50 -16.86
CA LYS A 163 1.74 -19.11 -17.86
C LYS A 163 0.98 -17.81 -17.46
N ILE A 164 1.00 -17.42 -16.19
CA ILE A 164 0.46 -16.13 -15.79
C ILE A 164 1.27 -15.03 -16.45
N GLU A 165 0.57 -14.25 -17.28
CA GLU A 165 1.18 -13.21 -18.06
C GLU A 165 1.39 -11.98 -17.24
N ALA A 166 0.38 -11.71 -16.45
CA ALA A 166 0.37 -10.52 -15.66
C ALA A 166 -0.69 -10.55 -14.56
N ILE A 167 -0.35 -9.83 -13.51
CA ILE A 167 -1.30 -9.61 -12.41
C ILE A 167 -1.59 -8.18 -12.20
N TYR A 168 -2.84 -7.83 -12.36
CA TYR A 168 -3.31 -6.39 -12.22
C TYR A 168 -4.09 -6.27 -10.91
N TYR A 169 -3.83 -5.21 -10.13
CA TYR A 169 -4.51 -5.01 -8.81
C TYR A 169 -5.51 -3.88 -8.98
N CYS A 170 -6.81 -4.22 -9.02
CA CYS A 170 -7.92 -3.31 -9.11
C CYS A 170 -8.31 -2.64 -7.86
N ASP A 171 -7.72 -3.04 -6.74
CA ASP A 171 -8.09 -2.50 -5.37
C ASP A 171 -9.58 -2.57 -5.12
N SER A 172 -10.23 -3.65 -5.51
CA SER A 172 -11.70 -3.79 -5.24
C SER A 172 -12.49 -2.66 -5.76
N ASN A 173 -12.19 -2.27 -6.99
CA ASN A 173 -12.91 -1.17 -7.62
C ASN A 173 -13.39 -1.69 -8.98
N TYR A 174 -14.69 -1.71 -9.24
CA TYR A 174 -15.17 -2.31 -10.51
C TYR A 174 -14.60 -1.59 -11.81
N ASP A 175 -14.47 -0.29 -11.79
CA ASP A 175 -13.95 0.31 -13.04
C ASP A 175 -12.49 0.07 -13.27
N LYS A 176 -11.69 -0.14 -12.21
CA LYS A 176 -10.30 -0.51 -12.40
C LYS A 176 -10.13 -1.90 -12.89
N ALA A 177 -10.97 -2.77 -12.33
CA ALA A 177 -11.02 -4.19 -12.83
C ALA A 177 -11.25 -4.19 -14.31
N TYR A 178 -12.19 -3.40 -14.75
CA TYR A 178 -12.54 -3.34 -16.22
C TYR A 178 -11.41 -2.81 -17.08
N ASP A 179 -10.89 -1.63 -16.70
CA ASP A 179 -9.67 -1.05 -17.31
C ASP A 179 -8.49 -2.00 -17.38
N GLY A 180 -8.16 -2.64 -16.28
CA GLY A 180 -6.94 -3.53 -16.23
C GLY A 180 -7.16 -4.76 -17.06
N THR A 181 -8.41 -5.20 -17.17
CA THR A 181 -8.76 -6.30 -18.08
C THR A 181 -8.61 -5.90 -19.55
N VAL A 182 -9.10 -4.70 -19.86
CA VAL A 182 -8.91 -4.19 -21.19
C VAL A 182 -7.42 -4.08 -21.46
N GLU A 183 -6.64 -3.54 -20.52
CA GLU A 183 -5.19 -3.36 -20.77
C GLU A 183 -4.49 -4.70 -20.99
N LEU A 184 -4.74 -5.66 -20.13
CA LEU A 184 -4.11 -6.97 -20.30
C LEU A 184 -4.51 -7.65 -21.59
N LEU A 185 -5.81 -7.72 -21.92
CA LEU A 185 -6.18 -8.42 -23.15
C LEU A 185 -5.76 -7.66 -24.45
N THR A 186 -5.53 -6.38 -24.33
CA THR A 186 -4.87 -5.65 -25.41
C THR A 186 -3.40 -6.01 -25.57
N LYS A 187 -2.71 -6.14 -24.45
CA LYS A 187 -1.27 -6.31 -24.47
C LYS A 187 -0.85 -7.75 -24.63
N TYR A 188 -1.70 -8.67 -24.20
CA TYR A 188 -1.39 -10.08 -24.33
C TYR A 188 -2.56 -10.79 -25.03
N PRO A 189 -2.54 -10.79 -26.39
CA PRO A 189 -3.54 -11.53 -27.17
C PRO A 189 -3.47 -13.05 -27.00
N ASP A 190 -2.37 -13.54 -26.43
CA ASP A 190 -2.32 -14.94 -26.04
C ASP A 190 -3.08 -15.35 -24.79
N ILE A 191 -3.68 -14.43 -24.03
CA ILE A 191 -4.45 -14.82 -22.83
C ILE A 191 -5.79 -15.48 -23.25
N SER A 192 -6.06 -16.68 -22.79
CA SER A 192 -7.25 -17.41 -23.13
C SER A 192 -8.06 -17.68 -21.86
N VAL A 193 -7.51 -17.28 -20.69
CA VAL A 193 -8.17 -17.45 -19.38
C VAL A 193 -7.84 -16.21 -18.56
N MET A 194 -8.88 -15.51 -18.16
CA MET A 194 -8.79 -14.52 -17.11
C MET A 194 -9.19 -15.01 -15.70
N VAL A 195 -8.41 -14.62 -14.70
CA VAL A 195 -8.78 -14.97 -13.29
C VAL A 195 -9.15 -13.74 -12.48
N GLY A 196 -10.33 -13.69 -11.89
CA GLY A 196 -10.68 -12.57 -10.96
C GLY A 196 -10.68 -13.14 -9.56
N LEU A 197 -9.95 -12.51 -8.63
CA LEU A 197 -9.73 -13.11 -7.26
C LEU A 197 -10.81 -12.68 -6.19
N ASN A 198 -11.65 -11.76 -6.58
CA ASN A 198 -12.81 -11.44 -5.75
C ASN A 198 -13.98 -10.95 -6.60
N GLN A 199 -15.10 -10.57 -6.03
CA GLN A 199 -16.23 -10.21 -6.92
C GLN A 199 -15.99 -8.97 -7.80
N TYR A 200 -15.49 -7.86 -7.21
CA TYR A 200 -15.10 -6.66 -7.96
C TYR A 200 -14.28 -6.95 -9.16
N SER A 201 -13.26 -7.77 -8.97
CA SER A 201 -12.28 -8.14 -9.99
C SER A 201 -12.96 -8.91 -11.03
N ALA A 202 -13.71 -9.96 -10.64
CA ALA A 202 -14.41 -10.81 -11.63
C ALA A 202 -15.42 -10.10 -12.40
N THR A 203 -16.31 -9.35 -11.74
CA THR A 203 -17.31 -8.60 -12.43
C THR A 203 -16.73 -7.62 -13.45
N GLY A 204 -15.68 -6.85 -13.12
CA GLY A 204 -15.14 -5.95 -14.07
C GLY A 204 -14.53 -6.64 -15.25
N ALA A 205 -13.83 -7.79 -15.01
CA ALA A 205 -13.31 -8.65 -16.12
C ALA A 205 -14.40 -9.20 -16.99
N ALA A 206 -15.54 -9.62 -16.41
CA ALA A 206 -16.57 -10.23 -17.30
C ALA A 206 -17.15 -9.13 -18.17
N ARG A 207 -17.39 -7.93 -17.64
CA ARG A 207 -17.90 -6.84 -18.53
C ARG A 207 -16.99 -6.48 -19.69
N ALA A 208 -15.72 -6.30 -19.37
CA ALA A 208 -14.69 -5.94 -20.30
C ALA A 208 -14.58 -7.01 -21.36
N ILE A 209 -14.56 -8.26 -20.95
CA ILE A 209 -14.50 -9.39 -21.92
C ILE A 209 -15.75 -9.37 -22.81
N LYS A 210 -16.87 -8.90 -22.27
CA LYS A 210 -18.15 -8.82 -23.01
C LYS A 210 -18.09 -7.69 -24.06
N ASP A 211 -17.53 -6.54 -23.63
CA ASP A 211 -17.46 -5.32 -24.44
C ASP A 211 -16.45 -5.46 -25.52
N MET A 212 -15.51 -6.38 -25.31
CA MET A 212 -14.43 -6.65 -26.25
C MET A 212 -14.90 -7.68 -27.24
N SER A 213 -16.07 -8.26 -27.05
CA SER A 213 -16.55 -9.39 -27.90
C SER A 213 -15.57 -10.56 -27.91
N LEU A 214 -15.01 -10.88 -26.73
CA LEU A 214 -14.06 -11.98 -26.53
C LEU A 214 -14.66 -13.22 -25.83
N GLU A 215 -15.99 -13.27 -25.71
CA GLU A 215 -16.60 -14.24 -24.78
C GLU A 215 -16.50 -15.70 -25.22
N ALA A 216 -16.08 -15.94 -26.45
CA ALA A 216 -15.85 -17.31 -26.82
C ALA A 216 -14.40 -17.49 -27.20
N LYS A 217 -13.58 -16.48 -26.91
CA LYS A 217 -12.13 -16.67 -26.99
C LYS A 217 -11.46 -16.70 -25.60
N VAL A 218 -11.93 -15.84 -24.69
CA VAL A 218 -11.38 -15.75 -23.35
C VAL A 218 -12.39 -16.26 -22.32
N LYS A 219 -12.01 -17.32 -21.60
CA LYS A 219 -12.74 -17.80 -20.44
C LYS A 219 -12.27 -17.18 -19.10
N LEU A 220 -13.21 -17.15 -18.17
CA LEU A 220 -13.13 -16.46 -16.94
C LEU A 220 -13.49 -17.42 -15.83
N VAL A 221 -12.63 -17.41 -14.82
CA VAL A 221 -12.83 -18.17 -13.62
C VAL A 221 -12.57 -17.18 -12.48
N CYS A 222 -13.17 -17.44 -11.31
CA CYS A 222 -13.01 -16.50 -10.17
C CYS A 222 -13.28 -17.16 -8.85
N ILE A 223 -12.78 -16.50 -7.83
CA ILE A 223 -13.25 -16.61 -6.45
C ILE A 223 -14.30 -15.48 -6.22
N ASP A 224 -15.49 -15.88 -5.73
CA ASP A 224 -16.63 -15.01 -5.71
C ASP A 224 -17.34 -14.97 -4.38
N SER A 225 -18.10 -13.89 -4.21
CA SER A 225 -18.98 -13.60 -3.06
C SER A 225 -19.73 -14.72 -2.34
N SER A 226 -20.57 -15.48 -3.02
CA SER A 226 -21.55 -16.32 -2.31
C SER A 226 -22.45 -17.07 -3.28
N MET A 227 -23.30 -17.95 -2.74
CA MET A 227 -24.11 -18.83 -3.58
C MET A 227 -25.21 -18.05 -4.31
N GLU A 228 -25.40 -16.79 -3.95
CA GLU A 228 -26.21 -15.86 -4.78
C GLU A 228 -25.69 -15.80 -6.22
N GLN A 229 -24.60 -15.06 -6.46
CA GLN A 229 -23.96 -15.00 -7.77
C GLN A 229 -24.08 -16.36 -8.51
N GLU A 235 -25.38 -16.68 -12.74
CA GLU A 235 -24.38 -16.02 -13.60
C GLU A 235 -23.39 -16.96 -14.36
N GLY A 236 -23.23 -16.64 -15.65
CA GLY A 236 -22.50 -17.46 -16.61
C GLY A 236 -21.73 -16.66 -17.64
N ILE A 237 -21.03 -17.40 -18.51
CA ILE A 237 -19.74 -16.97 -19.12
C ILE A 237 -18.63 -16.64 -18.01
N PHE A 238 -18.91 -17.17 -16.81
CA PHE A 238 -17.89 -17.68 -15.92
C PHE A 238 -17.79 -19.14 -16.32
N GLU A 239 -16.62 -19.74 -16.29
CA GLU A 239 -16.78 -21.17 -16.28
C GLU A 239 -16.36 -22.05 -15.04
N ALA A 240 -15.79 -21.43 -14.05
CA ALA A 240 -15.81 -22.02 -12.73
C ALA A 240 -15.83 -20.92 -11.74
N MET A 241 -16.43 -21.16 -10.57
CA MET A 241 -16.26 -20.18 -9.48
C MET A 241 -16.20 -20.88 -8.12
N VAL A 242 -15.28 -20.36 -7.27
CA VAL A 242 -15.20 -20.72 -5.87
C VAL A 242 -16.12 -19.71 -5.11
N VAL A 243 -17.01 -20.23 -4.30
CA VAL A 243 -18.05 -19.43 -3.64
C VAL A 243 -17.75 -19.55 -2.17
N GLN A 244 -17.82 -18.45 -1.40
CA GLN A 244 -17.53 -18.56 0.02
C GLN A 244 -18.84 -18.64 0.80
N LYS A 245 -18.75 -18.53 2.13
CA LYS A 245 -19.91 -18.54 3.02
C LYS A 245 -20.00 -17.30 3.95
N PRO A 246 -20.18 -16.11 3.35
CA PRO A 246 -20.06 -14.91 4.18
C PRO A 246 -21.07 -14.87 5.25
N PHE A 247 -22.25 -15.45 5.02
CA PHE A 247 -23.27 -15.45 6.07
C PHE A 247 -22.67 -16.13 7.33
N ASN A 248 -22.06 -17.31 7.12
CA ASN A 248 -21.43 -18.00 8.22
C ASN A 248 -20.26 -17.31 8.85
N ILE A 249 -19.42 -16.62 8.06
CA ILE A 249 -18.36 -15.81 8.69
C ILE A 249 -18.88 -14.84 9.71
N GLY A 250 -19.95 -14.12 9.34
CA GLY A 250 -20.51 -13.10 10.25
C GLY A 250 -21.24 -13.71 11.43
N TYR A 251 -22.07 -14.73 11.16
CA TYR A 251 -22.80 -15.41 12.14
C TYR A 251 -21.84 -15.93 13.24
N LEU A 252 -20.87 -16.75 12.84
CA LEU A 252 -19.96 -17.38 13.75
C LEU A 252 -19.11 -16.37 14.51
N GLY A 253 -18.73 -15.27 13.87
CA GLY A 253 -17.81 -14.31 14.50
C GLY A 253 -18.56 -13.86 15.77
N VAL A 254 -19.81 -13.52 15.58
CA VAL A 254 -20.63 -13.06 16.73
C VAL A 254 -20.83 -14.15 17.79
N GLU A 255 -21.57 -15.18 17.41
CA GLU A 255 -21.78 -16.33 18.26
C GLU A 255 -20.54 -16.75 19.10
N LYS A 256 -19.38 -16.86 18.50
CA LYS A 256 -18.22 -17.40 19.17
C LYS A 256 -17.48 -16.31 19.95
N ALA A 257 -17.75 -15.06 19.63
CA ALA A 257 -17.31 -13.92 20.48
C ALA A 257 -17.97 -14.10 21.83
N LEU A 258 -19.13 -14.76 21.80
CA LEU A 258 -19.88 -15.07 22.98
C LEU A 258 -19.14 -16.05 23.90
N LYS A 259 -18.48 -17.04 23.31
CA LYS A 259 -17.75 -18.01 24.08
C LYS A 259 -16.65 -17.31 24.82
N LEU A 260 -15.93 -16.42 24.15
CA LEU A 260 -14.81 -15.76 24.80
C LEU A 260 -15.24 -14.96 26.02
N LEU A 261 -16.33 -14.21 25.88
CA LEU A 261 -16.84 -13.40 26.96
C LEU A 261 -17.36 -14.26 28.10
N LYS A 262 -17.94 -15.43 27.79
CA LYS A 262 -18.25 -16.49 28.78
C LYS A 262 -16.98 -17.23 29.33
N LYS A 263 -15.80 -16.95 28.79
CA LYS A 263 -14.59 -17.54 29.40
C LYS A 263 -14.55 -19.04 29.12
N GLU A 264 -15.04 -19.39 27.94
CA GLU A 264 -15.30 -20.74 27.52
C GLU A 264 -14.41 -21.09 26.27
N TYR A 265 -14.13 -22.38 26.01
CA TYR A 265 -13.07 -22.85 25.07
C TYR A 265 -13.50 -22.52 23.68
N VAL A 266 -12.65 -21.85 22.95
CA VAL A 266 -12.97 -21.73 21.53
C VAL A 266 -11.70 -21.96 20.72
N PRO A 267 -11.80 -22.72 19.63
CA PRO A 267 -10.56 -22.81 18.77
C PRO A 267 -9.97 -21.42 18.33
N LYS A 268 -8.68 -21.31 18.02
CA LYS A 268 -8.18 -19.98 17.68
C LYS A 268 -8.44 -19.70 16.19
N GLN A 269 -8.72 -20.77 15.44
CA GLN A 269 -9.10 -20.67 14.04
C GLN A 269 -10.34 -21.52 13.65
N LEU A 270 -11.29 -20.92 12.92
CA LEU A 270 -12.49 -21.64 12.39
C LEU A 270 -12.55 -21.38 10.89
N ASP A 271 -12.79 -22.43 10.13
CA ASP A 271 -12.70 -22.43 8.68
C ASP A 271 -14.13 -22.31 8.24
N SER A 272 -14.43 -21.28 7.46
CA SER A 272 -15.79 -20.96 7.09
C SER A 272 -16.21 -21.88 5.95
N GLY A 273 -15.27 -22.39 5.17
CA GLY A 273 -15.69 -23.30 4.09
C GLY A 273 -16.06 -22.58 2.80
N CYS A 274 -15.83 -23.22 1.66
CA CYS A 274 -16.15 -22.67 0.29
C CYS A 274 -16.43 -23.84 -0.66
N ALA A 275 -17.03 -23.60 -1.83
CA ALA A 275 -17.26 -24.67 -2.82
C ALA A 275 -16.86 -24.24 -4.23
N LEU A 276 -16.42 -25.19 -5.03
CA LEU A 276 -16.11 -24.96 -6.44
C LEU A 276 -17.26 -25.52 -7.31
N ILE A 277 -17.84 -24.62 -8.13
CA ILE A 277 -18.83 -24.93 -9.11
C ILE A 277 -18.30 -24.65 -10.51
N THR A 278 -18.76 -25.43 -11.48
CA THR A 278 -18.02 -25.55 -12.70
C THR A 278 -19.08 -25.73 -13.77
N LYS A 279 -18.88 -25.08 -14.92
CA LYS A 279 -19.78 -25.14 -16.02
C LYS A 279 -19.23 -26.14 -17.01
N ASP A 280 -20.08 -27.08 -17.41
CA ASP A 280 -19.62 -28.30 -18.02
C ASP A 280 -20.34 -28.56 -19.36
N GLN B 5 -0.57 36.65 -14.72
CA GLN B 5 0.14 36.49 -13.42
C GLN B 5 0.74 35.11 -13.36
N TYR B 6 -0.12 34.12 -13.61
CA TYR B 6 0.12 32.69 -13.44
C TYR B 6 -0.30 32.12 -12.08
N TYR B 7 -1.24 31.16 -12.15
CA TYR B 7 -1.72 30.41 -11.02
C TYR B 7 -1.17 28.92 -10.98
N MET B 8 -0.36 28.64 -9.93
CA MET B 8 0.26 27.32 -9.67
C MET B 8 -0.15 26.73 -8.30
N ILE B 9 -0.42 25.43 -8.31
CA ILE B 9 -0.77 24.68 -7.11
C ILE B 9 0.27 23.58 -6.89
N CYS B 10 0.95 23.61 -5.72
CA CYS B 10 1.92 22.60 -5.38
C CYS B 10 1.33 21.64 -4.42
N ILE B 11 1.61 20.35 -4.63
CA ILE B 11 0.98 19.28 -3.86
C ILE B 11 2.05 18.39 -3.36
N PRO B 12 2.70 18.81 -2.24
CA PRO B 12 3.73 17.93 -1.66
C PRO B 12 3.16 16.60 -1.13
N LYS B 13 4.04 15.70 -0.66
CA LYS B 13 3.57 14.48 -0.01
C LYS B 13 2.93 14.83 1.36
N VAL B 14 3.50 15.85 2.04
CA VAL B 14 2.99 16.42 3.27
C VAL B 14 3.48 17.87 3.48
N LEU B 15 2.79 18.60 4.35
CA LEU B 15 3.27 19.95 4.76
C LEU B 15 3.61 20.05 6.27
N ASP B 16 4.55 19.21 6.70
CA ASP B 16 4.90 18.94 8.08
C ASP B 16 5.66 20.04 8.82
N ASP B 17 6.64 20.70 8.18
CA ASP B 17 7.53 21.72 8.85
C ASP B 17 8.43 21.41 10.09
N SER B 18 8.27 20.25 10.72
CA SER B 18 9.40 19.62 11.44
C SER B 18 10.23 18.78 10.45
N SER B 19 9.78 18.73 9.19
CA SER B 19 10.54 18.15 8.07
C SER B 19 11.52 19.16 7.40
N ASP B 20 12.83 18.94 7.39
CA ASP B 20 13.67 19.83 6.60
C ASP B 20 13.33 19.66 5.16
N PHE B 21 13.17 18.42 4.70
CA PHE B 21 12.89 18.26 3.28
C PHE B 21 11.70 19.14 2.86
N TRP B 22 10.51 18.88 3.40
CA TRP B 22 9.32 19.52 2.86
C TRP B 22 9.28 21.00 3.22
N SER B 23 9.96 21.38 4.26
CA SER B 23 9.91 22.77 4.71
C SER B 23 10.73 23.60 3.77
N VAL B 24 11.88 23.08 3.40
CA VAL B 24 12.79 23.78 2.56
C VAL B 24 12.24 23.74 1.16
N LEU B 25 11.60 22.61 0.75
CA LEU B 25 11.07 22.50 -0.60
C LEU B 25 10.09 23.64 -0.88
N VAL B 26 9.26 23.90 0.09
CA VAL B 26 8.18 24.91 0.00
C VAL B 26 8.85 26.25 -0.03
N GLU B 27 9.85 26.43 0.86
CA GLU B 27 10.66 27.69 0.81
C GLU B 27 11.24 28.05 -0.53
N GLY B 28 11.87 27.10 -1.23
CA GLY B 28 12.34 27.37 -2.57
C GLY B 28 11.29 27.64 -3.66
N ALA B 29 10.17 26.91 -3.67
CA ALA B 29 9.07 27.16 -4.57
C ALA B 29 8.50 28.59 -4.25
N GLN B 30 8.31 28.91 -2.99
CA GLN B 30 7.75 30.22 -2.66
C GLN B 30 8.69 31.32 -3.04
N MET B 31 9.99 31.03 -3.08
CA MET B 31 10.98 32.10 -3.39
C MET B 31 10.93 32.32 -4.88
N ALA B 32 10.91 31.23 -5.65
CA ALA B 32 10.71 31.37 -7.10
C ALA B 32 9.40 32.15 -7.46
N ALA B 33 8.28 31.83 -6.79
CA ALA B 33 7.00 32.56 -7.01
C ALA B 33 7.09 34.07 -6.75
N LYS B 34 7.82 34.41 -5.68
CA LYS B 34 8.05 35.79 -5.25
C LYS B 34 8.79 36.43 -6.39
N GLU B 35 9.94 35.87 -6.74
CA GLU B 35 10.78 36.30 -7.87
C GLU B 35 10.03 36.46 -9.18
N TYR B 36 9.13 35.51 -9.53
CA TYR B 36 8.43 35.62 -10.80
C TYR B 36 7.00 36.11 -10.78
N GLU B 37 6.47 36.53 -9.63
CA GLU B 37 5.13 37.16 -9.63
C GLU B 37 4.04 36.11 -9.98
N ILE B 38 4.16 34.97 -9.33
CA ILE B 38 3.35 33.78 -9.62
C ILE B 38 2.40 33.60 -8.48
N LYS B 39 1.18 33.18 -8.78
CA LYS B 39 0.24 32.87 -7.71
C LYS B 39 0.37 31.45 -7.30
N LEU B 40 0.93 31.18 -6.12
CA LEU B 40 1.29 29.80 -5.76
C LEU B 40 0.54 29.39 -4.48
N GLU B 41 -0.34 28.38 -4.61
CA GLU B 41 -0.99 27.72 -3.46
C GLU B 41 -0.31 26.34 -3.11
N PHE B 42 -0.38 25.92 -1.84
CA PHE B 42 0.07 24.60 -1.34
C PHE B 42 -1.07 23.75 -0.75
N MET B 43 -1.06 22.48 -1.03
CA MET B 43 -2.16 21.60 -0.59
C MET B 43 -1.47 20.28 -0.23
N ALA B 44 -1.66 19.66 0.94
CA ALA B 44 -1.09 18.30 1.12
C ALA B 44 -1.83 17.46 2.16
N PRO B 45 -1.77 16.13 2.01
CA PRO B 45 -2.42 15.39 3.13
C PRO B 45 -1.60 15.53 4.42
N GLU B 46 -2.00 14.88 5.50
CA GLU B 46 -1.27 15.08 6.76
C GLU B 46 -0.26 14.02 6.86
N LYS B 47 -0.43 12.93 6.13
CA LYS B 47 0.61 11.85 6.11
C LYS B 47 1.16 11.56 4.73
N GLU B 48 2.46 11.29 4.64
CA GLU B 48 3.15 10.88 3.39
C GLU B 48 2.54 9.77 2.62
N GLU B 49 2.01 8.79 3.34
CA GLU B 49 1.49 7.56 2.71
C GLU B 49 0.03 7.66 2.34
N ASP B 50 -0.59 8.83 2.60
CA ASP B 50 -2.01 8.91 2.40
C ASP B 50 -2.38 9.20 0.96
N TYR B 51 -2.24 8.24 0.09
CA TYR B 51 -2.40 8.55 -1.36
C TYR B 51 -3.85 8.83 -1.73
N LEU B 52 -4.77 8.36 -0.88
CA LEU B 52 -6.14 8.42 -1.29
C LEU B 52 -6.58 9.88 -1.05
N VAL B 53 -6.03 10.46 0.00
CA VAL B 53 -6.22 11.85 0.31
C VAL B 53 -5.44 12.75 -0.64
N GLN B 54 -4.27 12.33 -1.00
CA GLN B 54 -3.55 13.09 -2.08
C GLN B 54 -4.35 13.10 -3.34
N ASN B 55 -4.95 11.94 -3.67
CA ASN B 55 -5.83 11.88 -4.84
C ASN B 55 -6.99 12.78 -4.82
N GLU B 56 -7.65 12.90 -3.68
CA GLU B 56 -8.75 13.86 -3.53
C GLU B 56 -8.20 15.26 -3.69
N LEU B 57 -7.05 15.54 -3.10
CA LEU B 57 -6.41 16.88 -3.23
C LEU B 57 -6.05 17.17 -4.69
N ILE B 58 -5.52 16.19 -5.44
CA ILE B 58 -5.28 16.42 -6.88
C ILE B 58 -6.63 16.80 -7.56
N GLU B 59 -7.71 16.05 -7.32
CA GLU B 59 -8.95 16.42 -8.00
C GLU B 59 -9.46 17.83 -7.62
N GLU B 60 -9.33 18.16 -6.35
CA GLU B 60 -9.70 19.48 -5.87
C GLU B 60 -8.82 20.52 -6.56
N ALA B 61 -7.55 20.22 -6.82
CA ALA B 61 -6.65 21.25 -7.37
C ALA B 61 -7.13 21.51 -8.80
N ILE B 62 -7.59 20.43 -9.43
CA ILE B 62 -7.97 20.41 -10.83
C ILE B 62 -9.16 21.36 -10.98
N LYS B 63 -10.07 21.33 -10.00
CA LYS B 63 -11.26 22.21 -10.01
C LYS B 63 -10.93 23.68 -9.78
N ARG B 64 -10.01 24.02 -8.88
CA ARG B 64 -9.49 25.41 -8.83
C ARG B 64 -8.90 25.97 -10.18
N LYS B 65 -8.79 25.11 -11.21
CA LYS B 65 -8.17 25.45 -12.53
C LYS B 65 -6.92 26.33 -12.47
N PRO B 66 -5.82 25.74 -12.00
CA PRO B 66 -4.55 26.49 -12.04
C PRO B 66 -4.00 26.35 -13.47
N ASP B 67 -2.91 27.05 -13.75
CA ASP B 67 -2.18 26.77 -14.99
C ASP B 67 -1.27 25.58 -14.84
N VAL B 68 -0.76 25.36 -13.62
CA VAL B 68 0.18 24.27 -13.37
C VAL B 68 -0.14 23.64 -12.02
N ILE B 69 0.15 22.35 -11.90
CA ILE B 69 0.12 21.66 -10.64
C ILE B 69 1.48 21.07 -10.52
N LEU B 70 2.16 21.29 -9.40
CA LEU B 70 3.41 20.58 -9.14
C LEU B 70 3.20 19.54 -8.08
N LEU B 71 3.62 18.31 -8.33
CA LEU B 71 3.01 17.21 -7.61
C LEU B 71 4.15 16.34 -7.17
N ALA B 72 4.17 15.95 -5.90
CA ALA B 72 5.05 14.82 -5.48
C ALA B 72 4.17 13.59 -5.30
N ALA B 73 4.28 12.55 -6.15
CA ALA B 73 3.26 11.50 -6.17
C ALA B 73 3.42 10.60 -4.93
N ALA B 74 2.38 10.50 -4.11
CA ALA B 74 2.49 9.72 -2.88
C ALA B 74 2.74 8.27 -3.31
N ASP B 75 2.23 7.83 -4.48
CA ASP B 75 2.25 6.42 -4.84
C ASP B 75 2.72 6.10 -6.30
N TYR B 76 3.73 5.30 -6.43
CA TYR B 76 4.28 5.00 -7.76
C TYR B 76 3.22 4.46 -8.74
N GLU B 77 2.26 3.60 -8.35
CA GLU B 77 1.17 3.24 -9.37
C GLU B 77 -0.21 3.95 -9.20
N LYS B 78 -0.49 4.49 -8.00
CA LYS B 78 -1.93 4.78 -7.71
C LYS B 78 -2.30 6.23 -7.80
N THR B 79 -1.33 7.10 -7.56
CA THR B 79 -1.49 8.52 -7.73
C THR B 79 -2.02 8.80 -9.13
N TYR B 80 -1.63 7.98 -10.11
CA TYR B 80 -2.05 8.24 -11.44
C TYR B 80 -3.58 8.06 -11.55
N ASP B 81 -4.25 7.40 -10.58
CA ASP B 81 -5.70 7.29 -10.68
C ASP B 81 -6.35 8.70 -10.69
N ALA B 82 -5.64 9.64 -10.11
CA ALA B 82 -6.15 10.99 -10.08
C ALA B 82 -5.33 11.90 -11.01
N ALA B 83 -4.03 11.66 -11.06
CA ALA B 83 -3.21 12.55 -11.86
C ALA B 83 -3.39 12.29 -13.37
N LYS B 84 -4.11 11.23 -13.72
CA LYS B 84 -4.37 11.04 -15.13
C LYS B 84 -5.26 12.09 -15.76
N GLU B 85 -5.99 12.80 -14.93
CA GLU B 85 -6.98 13.77 -15.40
C GLU B 85 -6.36 15.13 -15.51
N ILE B 86 -5.19 15.39 -14.96
CA ILE B 86 -4.53 16.72 -15.08
C ILE B 86 -4.40 17.23 -16.49
N LYS B 87 -3.90 16.39 -17.42
CA LYS B 87 -3.57 16.88 -18.78
C LYS B 87 -4.80 17.32 -19.63
N ASP B 88 -5.79 16.42 -19.66
CA ASP B 88 -7.08 16.67 -20.21
C ASP B 88 -7.89 17.75 -19.47
N ALA B 89 -7.41 18.30 -18.35
CA ALA B 89 -7.97 19.59 -17.90
C ALA B 89 -7.22 20.80 -18.47
N GLY B 90 -6.23 20.63 -19.33
CA GLY B 90 -5.56 21.91 -19.76
C GLY B 90 -4.43 22.37 -18.85
N ILE B 91 -4.09 21.49 -17.88
CA ILE B 91 -3.05 21.80 -16.87
C ILE B 91 -1.67 21.14 -17.14
N LYS B 92 -0.61 21.94 -16.94
CA LYS B 92 0.81 21.51 -16.90
C LYS B 92 1.10 20.76 -15.59
N LEU B 93 1.75 19.61 -15.72
CA LEU B 93 2.07 18.78 -14.61
C LEU B 93 3.60 18.75 -14.50
N ILE B 94 4.09 19.28 -13.41
CA ILE B 94 5.47 19.10 -13.01
C ILE B 94 5.52 18.13 -11.90
N VAL B 95 6.33 17.10 -12.09
CA VAL B 95 6.52 16.18 -11.01
C VAL B 95 7.79 16.60 -10.26
N ILE B 96 7.65 16.80 -8.92
CA ILE B 96 8.76 17.17 -8.03
C ILE B 96 8.99 16.00 -7.04
N ASP B 97 10.26 15.74 -6.78
CA ASP B 97 10.69 14.70 -5.86
C ASP B 97 10.31 13.26 -6.22
N SER B 98 9.03 12.91 -6.53
CA SER B 98 8.69 11.48 -6.56
C SER B 98 7.71 11.18 -7.62
N GLY B 99 8.11 10.33 -8.58
CA GLY B 99 7.38 10.18 -9.87
C GLY B 99 6.35 9.02 -9.82
N MET B 100 5.69 8.73 -10.94
CA MET B 100 4.77 7.57 -11.14
C MET B 100 5.33 6.58 -12.23
N LYS B 101 4.81 5.36 -12.26
CA LYS B 101 5.16 4.40 -13.28
C LYS B 101 4.69 4.97 -14.58
N GLN B 102 3.57 5.69 -14.53
CA GLN B 102 2.90 6.09 -15.78
C GLN B 102 3.51 7.40 -16.28
N ASP B 103 3.82 7.44 -17.56
CA ASP B 103 4.70 8.50 -18.03
C ASP B 103 3.89 9.74 -18.42
N ILE B 104 3.55 10.56 -17.41
CA ILE B 104 2.70 11.73 -17.70
C ILE B 104 3.19 13.08 -17.26
N ALA B 105 4.26 13.19 -16.46
CA ALA B 105 4.85 14.55 -16.19
C ALA B 105 5.23 15.25 -17.47
N ASP B 106 5.05 16.54 -17.52
CA ASP B 106 5.71 17.33 -18.59
C ASP B 106 7.19 17.58 -18.24
N ILE B 107 7.51 17.87 -16.98
CA ILE B 107 8.90 17.82 -16.53
C ILE B 107 8.96 17.11 -15.16
N THR B 108 9.99 16.30 -14.89
CA THR B 108 10.27 15.77 -13.52
C THR B 108 11.51 16.48 -12.91
N VAL B 109 11.36 17.13 -11.73
CA VAL B 109 12.52 17.62 -11.00
C VAL B 109 12.80 16.76 -9.74
N ALA B 110 13.91 16.03 -9.70
CA ALA B 110 14.19 15.14 -8.54
C ALA B 110 15.67 14.87 -8.28
N THR B 111 16.01 14.38 -7.09
CA THR B 111 17.33 13.76 -6.89
C THR B 111 17.38 12.52 -7.76
N ASP B 112 18.55 12.17 -8.23
CA ASP B 112 18.79 10.79 -8.70
C ASP B 112 18.82 9.83 -7.47
N ASN B 113 17.73 9.08 -7.23
CA ASN B 113 17.52 8.39 -5.96
C ASN B 113 18.22 7.07 -5.97
N ILE B 114 18.26 6.47 -7.14
CA ILE B 114 19.11 5.27 -7.35
C ILE B 114 20.55 5.61 -6.97
N GLN B 115 21.12 6.61 -7.61
CA GLN B 115 22.50 7.04 -7.31
C GLN B 115 22.69 7.30 -5.84
N ALA B 116 21.74 8.03 -5.22
CA ALA B 116 21.79 8.22 -3.77
C ALA B 116 21.83 6.88 -3.00
N GLY B 117 20.92 5.90 -3.19
CA GLY B 117 21.13 4.69 -2.40
C GLY B 117 22.43 3.95 -2.76
N ILE B 118 22.80 3.91 -4.05
CA ILE B 118 24.09 3.37 -4.43
C ILE B 118 25.19 4.03 -3.61
N ARG B 119 25.20 5.34 -3.40
CA ARG B 119 26.41 5.85 -2.74
C ARG B 119 26.41 5.42 -1.26
N ILE B 120 25.24 5.36 -0.67
CA ILE B 120 25.11 4.91 0.72
C ILE B 120 25.37 3.37 0.80
N GLY B 121 24.97 2.64 -0.25
CA GLY B 121 25.27 1.19 -0.33
C GLY B 121 26.76 0.98 -0.27
N ALA B 122 27.51 1.81 -0.98
CA ALA B 122 28.99 1.63 -1.08
C ALA B 122 29.65 1.99 0.21
N VAL B 123 29.18 3.03 0.86
CA VAL B 123 29.68 3.35 2.22
C VAL B 123 29.47 2.16 3.15
N THR B 124 28.22 1.65 3.15
CA THR B 124 27.77 0.58 4.00
C THR B 124 28.58 -0.69 3.74
N LYS B 125 28.82 -0.98 2.46
CA LYS B 125 29.62 -2.17 2.09
C LYS B 125 31.02 -2.07 2.66
N ASN B 126 31.59 -0.88 2.68
CA ASN B 126 32.92 -0.74 3.32
C ASN B 126 32.83 -1.01 4.83
N LEU B 127 31.84 -0.39 5.47
CA LEU B 127 31.55 -0.61 6.88
C LEU B 127 31.36 -2.09 7.34
N VAL B 128 30.91 -2.98 6.47
CA VAL B 128 30.73 -4.41 6.82
C VAL B 128 31.79 -5.33 6.15
N ARG B 129 32.89 -4.71 5.71
CA ARG B 129 33.94 -5.38 4.97
C ARG B 129 34.48 -6.56 5.73
N LYS B 130 34.60 -6.43 7.05
CA LYS B 130 35.14 -7.51 7.89
C LYS B 130 34.03 -8.41 8.39
N SER B 131 33.00 -7.79 8.93
CA SER B 131 31.86 -8.49 9.51
C SER B 131 30.75 -7.52 9.90
N GLY B 132 29.55 -8.07 10.08
CA GLY B 132 28.44 -7.23 10.40
C GLY B 132 27.34 -7.51 9.41
N LYS B 133 26.13 -7.23 9.84
CA LYS B 133 24.96 -7.39 9.00
C LYS B 133 24.25 -6.02 9.03
N ILE B 134 23.19 -5.85 8.27
CA ILE B 134 22.69 -4.52 7.94
C ILE B 134 21.22 -4.52 8.28
N GLY B 135 20.75 -3.51 9.00
CA GLY B 135 19.29 -3.39 8.99
C GLY B 135 18.87 -2.12 8.31
N VAL B 136 17.74 -2.20 7.62
CA VAL B 136 17.25 -0.99 6.96
C VAL B 136 15.90 -0.49 7.45
N ILE B 137 15.83 0.81 7.69
CA ILE B 137 14.56 1.46 7.97
C ILE B 137 14.24 2.33 6.73
N SER B 138 13.17 1.88 6.03
CA SER B 138 12.66 2.55 4.87
C SER B 138 11.44 3.27 5.37
N PHE B 139 10.84 4.00 4.43
CA PHE B 139 9.68 4.82 4.70
C PHE B 139 8.44 4.28 3.96
N VAL B 140 8.05 4.89 2.84
CA VAL B 140 6.73 4.43 2.24
C VAL B 140 7.03 3.51 1.05
N LYS B 141 6.78 2.21 1.21
CA LYS B 141 7.35 1.22 0.29
C LYS B 141 6.92 1.45 -1.13
N ASN B 142 5.75 2.06 -1.31
CA ASN B 142 5.31 2.24 -2.69
C ASN B 142 5.59 3.58 -3.27
N SER B 143 6.34 4.46 -2.55
CA SER B 143 6.82 5.63 -3.21
C SER B 143 7.97 5.23 -4.05
N LYS B 144 8.10 5.91 -5.17
CA LYS B 144 9.16 5.73 -6.10
C LYS B 144 10.48 6.20 -5.47
N THR B 145 10.45 7.22 -4.59
CA THR B 145 11.77 7.58 -3.93
C THR B 145 12.28 6.47 -2.99
N ALA B 146 11.35 5.74 -2.36
CA ALA B 146 11.74 4.62 -1.47
C ALA B 146 12.25 3.45 -2.27
N MET B 147 11.49 3.10 -3.31
CA MET B 147 11.90 2.04 -4.24
C MET B 147 13.24 2.35 -4.85
N ASP B 148 13.48 3.57 -5.33
CA ASP B 148 14.78 3.86 -6.00
C ASP B 148 15.94 3.77 -5.00
N ARG B 149 15.70 4.25 -3.79
CA ARG B 149 16.73 4.29 -2.69
C ARG B 149 17.13 2.89 -2.23
N GLU B 150 16.13 1.99 -2.16
CA GLU B 150 16.33 0.66 -1.76
C GLU B 150 17.08 -0.18 -2.84
N GLU B 151 16.69 0.00 -4.10
CA GLU B 151 17.34 -0.65 -5.25
C GLU B 151 18.72 -0.15 -5.33
N GLY B 152 18.89 1.14 -5.25
CA GLY B 152 20.24 1.72 -5.28
C GLY B 152 21.07 1.18 -4.20
N LEU B 153 20.52 1.16 -2.98
CA LEU B 153 21.20 0.55 -1.89
C LEU B 153 21.79 -0.86 -2.18
N LYS B 154 20.96 -1.81 -2.57
CA LYS B 154 21.36 -3.15 -2.92
C LYS B 154 22.41 -3.19 -4.05
N ILE B 155 22.21 -2.47 -5.13
CA ILE B 155 23.24 -2.29 -6.13
C ILE B 155 24.58 -1.84 -5.57
N GLY B 156 24.60 -0.79 -4.77
CA GLY B 156 25.96 -0.32 -4.35
C GLY B 156 26.52 -1.28 -3.29
N LEU B 157 25.72 -2.26 -2.84
CA LEU B 157 26.26 -3.33 -1.91
C LEU B 157 26.86 -4.56 -2.65
N SER B 158 26.61 -4.67 -3.96
CA SER B 158 27.12 -5.75 -4.83
C SER B 158 26.77 -7.05 -4.15
N ASP B 159 27.67 -8.01 -3.96
CA ASP B 159 27.10 -9.07 -3.11
C ASP B 159 27.43 -9.20 -1.62
N ASP B 160 27.56 -8.04 -1.02
CA ASP B 160 27.23 -7.87 0.37
C ASP B 160 25.71 -7.58 0.53
N SER B 161 24.94 -7.58 -0.57
CA SER B 161 23.52 -7.29 -0.45
C SER B 161 22.74 -8.31 0.33
N ASN B 162 23.25 -9.54 0.37
CA ASN B 162 22.67 -10.60 1.23
C ASN B 162 22.92 -10.33 2.73
N LYS B 163 23.83 -9.42 3.05
CA LYS B 163 24.07 -8.99 4.42
C LYS B 163 22.92 -8.18 5.01
N ILE B 164 21.95 -7.81 4.21
CA ILE B 164 20.81 -7.08 4.71
C ILE B 164 19.89 -8.06 5.43
N GLU B 165 19.84 -7.87 6.75
CA GLU B 165 19.07 -8.74 7.59
C GLU B 165 17.57 -8.64 7.39
N ALA B 166 17.11 -7.42 7.23
CA ALA B 166 15.69 -7.10 7.23
C ALA B 166 15.52 -5.64 6.78
N ILE B 167 14.41 -5.40 6.11
CA ILE B 167 13.95 -4.02 5.76
C ILE B 167 12.63 -3.64 6.41
N TYR B 168 12.62 -2.65 7.26
CA TYR B 168 11.37 -2.32 8.00
C TYR B 168 10.82 -1.05 7.34
N TYR B 169 9.50 -0.97 7.06
CA TYR B 169 8.93 0.26 6.42
C TYR B 169 8.20 1.08 7.45
N CYS B 170 8.84 2.13 7.95
CA CYS B 170 8.26 3.12 8.84
C CYS B 170 7.23 4.02 8.34
N ASP B 171 6.94 4.00 7.06
CA ASP B 171 6.01 4.98 6.33
C ASP B 171 6.21 6.37 6.78
N SER B 172 7.46 6.84 6.93
CA SER B 172 7.68 8.28 7.31
C SER B 172 7.03 8.74 8.56
N ASN B 173 7.04 7.88 9.58
CA ASN B 173 6.46 8.15 10.91
C ASN B 173 7.60 7.96 11.90
N TYR B 174 7.90 8.98 12.72
CA TYR B 174 9.11 8.89 13.54
C TYR B 174 9.10 7.74 14.59
N ASP B 175 7.90 7.43 15.09
CA ASP B 175 7.72 6.44 16.15
C ASP B 175 7.80 5.07 15.60
N LYS B 176 7.34 4.88 14.38
CA LYS B 176 7.58 3.56 13.75
C LYS B 176 8.99 3.27 13.37
N ALA B 177 9.68 4.32 12.85
CA ALA B 177 11.18 4.34 12.71
C ALA B 177 11.84 3.84 13.95
N TYR B 178 11.53 4.49 15.05
CA TYR B 178 12.02 4.06 16.33
C TYR B 178 11.69 2.60 16.71
N ASP B 179 10.38 2.20 16.64
CA ASP B 179 9.97 0.80 17.01
C ASP B 179 10.60 -0.22 16.17
N GLY B 180 10.71 0.08 14.90
CA GLY B 180 11.27 -0.93 13.98
C GLY B 180 12.70 -1.13 14.22
N THR B 181 13.41 -0.04 14.51
CA THR B 181 14.81 -0.12 14.84
C THR B 181 15.04 -0.93 16.15
N VAL B 182 14.25 -0.65 17.19
CA VAL B 182 14.33 -1.50 18.40
C VAL B 182 14.04 -2.95 18.09
N GLU B 183 13.04 -3.22 17.24
CA GLU B 183 12.65 -4.59 16.93
C GLU B 183 13.78 -5.28 16.15
N LEU B 184 14.27 -4.63 15.11
CA LEU B 184 15.42 -5.18 14.33
C LEU B 184 16.66 -5.39 15.16
N LEU B 185 17.03 -4.42 16.00
CA LEU B 185 18.23 -4.60 16.83
C LEU B 185 18.11 -5.68 17.92
N THR B 186 16.89 -5.92 18.35
CA THR B 186 16.60 -7.01 19.29
C THR B 186 16.60 -8.35 18.54
N LYS B 187 16.00 -8.39 17.36
CA LYS B 187 15.93 -9.66 16.63
C LYS B 187 17.25 -10.05 16.01
N TYR B 188 18.01 -9.06 15.57
CA TYR B 188 19.24 -9.38 14.91
C TYR B 188 20.40 -8.69 15.63
N PRO B 189 20.93 -9.35 16.68
CA PRO B 189 22.14 -8.81 17.35
C PRO B 189 23.41 -8.76 16.49
N ASP B 190 23.48 -9.49 15.38
CA ASP B 190 24.60 -9.25 14.48
C ASP B 190 24.57 -7.98 13.59
N ILE B 191 23.51 -7.17 13.62
CA ILE B 191 23.49 -5.84 12.91
C ILE B 191 24.55 -4.83 13.50
N SER B 192 25.49 -4.41 12.69
CA SER B 192 26.49 -3.48 13.08
C SER B 192 26.26 -2.17 12.37
N VAL B 193 25.23 -2.10 11.47
CA VAL B 193 24.97 -0.92 10.58
C VAL B 193 23.49 -0.86 10.34
N MET B 194 22.91 0.28 10.70
CA MET B 194 21.58 0.62 10.28
C MET B 194 21.53 1.65 9.19
N VAL B 195 20.61 1.46 8.25
CA VAL B 195 20.46 2.45 7.13
C VAL B 195 19.14 3.10 7.20
N GLY B 196 19.11 4.41 7.30
CA GLY B 196 17.75 5.09 7.29
C GLY B 196 17.61 5.72 5.90
N LEU B 197 16.52 5.40 5.12
CA LEU B 197 16.36 5.90 3.70
C LEU B 197 15.73 7.32 3.49
N ASN B 198 15.39 7.96 4.59
CA ASN B 198 14.93 9.31 4.58
C ASN B 198 15.00 9.86 5.98
N GLN B 199 14.71 11.14 6.18
CA GLN B 199 14.99 11.75 7.50
C GLN B 199 14.20 11.16 8.65
N TYR B 200 12.90 10.86 8.42
CA TYR B 200 12.04 10.21 9.39
C TYR B 200 12.54 8.92 9.89
N SER B 201 12.92 8.03 8.97
CA SER B 201 13.58 6.74 9.22
C SER B 201 14.88 6.96 9.96
N ALA B 202 15.74 7.84 9.44
CA ALA B 202 17.04 8.10 10.14
C ALA B 202 16.85 8.56 11.52
N THR B 203 15.99 9.58 11.72
CA THR B 203 15.82 10.20 13.03
C THR B 203 15.33 9.20 14.03
N GLY B 204 14.31 8.39 13.72
CA GLY B 204 13.89 7.49 14.71
C GLY B 204 14.89 6.42 15.04
N ALA B 205 15.63 5.93 14.01
CA ALA B 205 16.66 4.96 14.24
C ALA B 205 17.72 5.61 15.11
N ALA B 206 18.11 6.87 14.86
CA ALA B 206 19.22 7.35 15.72
C ALA B 206 18.73 7.47 17.18
N ARG B 207 17.48 7.92 17.40
CA ARG B 207 16.99 7.94 18.81
C ARG B 207 16.97 6.59 19.48
N ALA B 208 16.56 5.60 18.71
CA ALA B 208 16.46 4.25 19.22
C ALA B 208 17.80 3.67 19.59
N ILE B 209 18.82 3.89 18.78
CA ILE B 209 20.22 3.42 19.03
C ILE B 209 20.83 4.11 20.28
N LYS B 210 20.52 5.37 20.48
CA LYS B 210 20.84 6.09 21.71
C LYS B 210 20.15 5.55 22.97
N ASP B 211 18.90 5.10 22.87
CA ASP B 211 18.16 4.65 24.03
C ASP B 211 18.59 3.26 24.40
N MET B 212 19.17 2.53 23.44
CA MET B 212 19.46 1.10 23.61
C MET B 212 20.89 1.04 24.05
N SER B 213 21.47 2.22 24.24
CA SER B 213 22.91 2.39 24.51
C SER B 213 23.87 1.67 23.53
N LEU B 214 23.58 1.79 22.23
CA LEU B 214 24.30 1.06 21.15
C LEU B 214 25.18 1.97 20.31
N GLU B 215 25.35 3.22 20.74
CA GLU B 215 26.04 4.20 19.91
C GLU B 215 27.44 3.76 19.49
N ALA B 216 28.02 2.79 20.16
CA ALA B 216 29.34 2.41 19.75
C ALA B 216 29.41 0.99 19.18
N LYS B 217 28.28 0.30 19.15
CA LYS B 217 28.19 -1.01 18.54
C LYS B 217 27.55 -0.89 17.16
N VAL B 218 26.62 0.06 17.03
CA VAL B 218 25.84 0.18 15.82
C VAL B 218 25.99 1.56 15.20
N LYS B 219 26.50 1.52 13.98
CA LYS B 219 26.63 2.63 13.11
C LYS B 219 25.37 2.90 12.30
N LEU B 220 25.20 4.18 12.02
CA LEU B 220 24.07 4.66 11.33
C LEU B 220 24.50 5.50 10.12
N VAL B 221 23.91 5.18 8.98
CA VAL B 221 24.09 5.99 7.78
C VAL B 221 22.70 6.25 7.20
N CYS B 222 22.54 7.39 6.49
CA CYS B 222 21.24 7.73 5.88
C CYS B 222 21.28 8.59 4.64
N ILE B 223 20.12 8.65 4.01
CA ILE B 223 19.73 9.73 3.09
C ILE B 223 18.89 10.76 3.88
N ASP B 224 19.25 12.04 3.80
CA ASP B 224 18.67 13.04 4.68
C ASP B 224 18.19 14.28 3.94
N SER B 225 17.41 15.06 4.68
CA SER B 225 16.81 16.37 4.28
C SER B 225 17.65 17.37 3.49
N SER B 226 18.75 17.87 4.02
CA SER B 226 19.43 19.05 3.47
C SER B 226 20.55 19.38 4.38
N MET B 227 21.48 20.22 3.93
CA MET B 227 22.75 20.44 4.66
C MET B 227 22.51 20.95 6.10
N GLU B 228 22.64 20.02 7.06
CA GLU B 228 22.36 20.17 8.51
C GLU B 228 21.79 18.86 9.09
N GLU B 234 20.12 14.22 12.65
CA GLU B 234 20.54 15.47 13.28
C GLU B 234 21.98 15.82 12.92
N GLU B 235 22.88 15.72 13.88
CA GLU B 235 24.33 15.72 13.67
C GLU B 235 24.83 14.60 14.61
N GLY B 236 24.20 14.53 15.80
CA GLY B 236 24.33 13.47 16.79
C GLY B 236 24.53 12.12 16.15
N ILE B 237 25.80 11.74 16.08
CA ILE B 237 26.37 10.65 15.27
C ILE B 237 25.52 9.80 14.26
N PHE B 238 25.71 10.20 13.02
CA PHE B 238 25.55 9.43 11.83
C PHE B 238 26.98 9.19 11.41
N GLU B 239 27.28 8.09 10.73
CA GLU B 239 28.62 7.96 10.11
C GLU B 239 28.72 8.61 8.69
N ALA B 240 27.65 8.51 7.90
CA ALA B 240 27.58 9.20 6.65
C ALA B 240 26.17 9.59 6.29
N MET B 241 26.06 10.58 5.39
CA MET B 241 24.77 10.98 4.92
C MET B 241 24.79 11.61 3.54
N VAL B 242 23.79 11.19 2.76
CA VAL B 242 23.50 11.76 1.46
C VAL B 242 22.48 12.90 1.74
N VAL B 243 22.77 14.07 1.22
CA VAL B 243 22.00 15.24 1.55
C VAL B 243 21.42 15.67 0.22
N GLN B 244 20.13 15.99 0.22
CA GLN B 244 19.49 16.45 -1.00
C GLN B 244 19.50 17.97 -1.15
N LYS B 245 18.90 18.47 -2.23
CA LYS B 245 18.84 19.91 -2.44
C LYS B 245 17.35 20.35 -2.58
N PRO B 246 16.55 20.17 -1.52
CA PRO B 246 15.12 20.47 -1.60
C PRO B 246 14.75 21.88 -1.98
N PHE B 247 15.57 22.86 -1.61
CA PHE B 247 15.29 24.23 -1.99
C PHE B 247 15.25 24.32 -3.51
N ASN B 248 16.22 23.68 -4.19
CA ASN B 248 16.31 23.63 -5.64
C ASN B 248 15.21 22.83 -6.34
N ILE B 249 14.71 21.76 -5.75
CA ILE B 249 13.62 21.03 -6.43
C ILE B 249 12.49 21.98 -6.51
N GLY B 250 12.27 22.71 -5.40
CA GLY B 250 11.17 23.62 -5.31
C GLY B 250 11.24 24.81 -6.25
N TYR B 251 12.36 25.49 -6.25
CA TYR B 251 12.58 26.70 -7.01
C TYR B 251 12.52 26.33 -8.47
N LEU B 252 13.21 25.25 -8.85
CA LEU B 252 13.23 24.81 -10.25
C LEU B 252 11.91 24.28 -10.79
N GLY B 253 11.12 23.58 -9.97
CA GLY B 253 9.86 23.09 -10.43
C GLY B 253 9.05 24.32 -10.81
N VAL B 254 9.08 25.33 -9.98
CA VAL B 254 8.34 26.63 -10.31
C VAL B 254 8.84 27.35 -11.58
N GLU B 255 10.10 27.79 -11.53
CA GLU B 255 10.84 28.36 -12.62
C GLU B 255 10.55 27.72 -13.99
N LYS B 256 10.80 26.42 -14.09
CA LYS B 256 10.65 25.64 -15.32
C LYS B 256 9.19 25.33 -15.68
N ALA B 257 8.28 25.40 -14.72
CA ALA B 257 6.83 25.42 -14.97
C ALA B 257 6.54 26.60 -15.91
N LEU B 258 7.39 27.61 -15.79
CA LEU B 258 7.22 28.82 -16.58
C LEU B 258 7.61 28.66 -18.05
N LYS B 259 8.77 28.06 -18.29
CA LYS B 259 9.17 27.65 -19.61
C LYS B 259 8.01 26.96 -20.34
N LEU B 260 7.42 25.94 -19.75
CA LEU B 260 6.31 25.21 -20.41
C LEU B 260 5.25 26.17 -20.80
N LEU B 261 4.88 27.04 -19.86
CA LEU B 261 3.79 27.91 -20.10
C LEU B 261 4.05 28.88 -21.31
N LYS B 262 5.21 29.53 -21.29
CA LYS B 262 5.69 30.36 -22.37
C LYS B 262 6.27 29.53 -23.55
N LYS B 263 5.86 28.27 -23.61
CA LYS B 263 6.02 27.46 -24.81
C LYS B 263 7.47 27.19 -25.24
N GLU B 264 8.39 27.35 -24.29
CA GLU B 264 9.80 27.18 -24.52
C GLU B 264 10.26 25.75 -24.25
N TYR B 265 11.41 25.40 -24.82
CA TYR B 265 12.05 24.11 -24.61
C TYR B 265 12.41 23.90 -23.14
N VAL B 266 12.04 22.75 -22.60
CA VAL B 266 12.59 22.36 -21.32
C VAL B 266 12.83 20.83 -21.32
N PRO B 267 13.98 20.39 -20.79
CA PRO B 267 14.24 18.94 -20.70
C PRO B 267 13.15 18.21 -19.88
N LYS B 268 12.82 16.99 -20.24
CA LYS B 268 11.70 16.29 -19.61
C LYS B 268 12.12 15.79 -18.20
N GLN B 269 13.41 15.90 -17.90
CA GLN B 269 13.92 15.49 -16.61
C GLN B 269 15.06 16.40 -16.13
N LEU B 270 14.97 16.84 -14.86
CA LEU B 270 16.04 17.66 -14.26
C LEU B 270 16.43 16.99 -12.96
N ASP B 271 17.72 17.13 -12.67
CA ASP B 271 18.43 16.37 -11.67
C ASP B 271 18.77 17.43 -10.67
N SER B 272 18.26 17.28 -9.46
CA SER B 272 18.38 18.31 -8.45
C SER B 272 19.72 18.29 -7.77
N GLY B 273 20.44 17.17 -7.83
CA GLY B 273 21.75 17.10 -7.15
C GLY B 273 21.61 16.59 -5.69
N CYS B 274 22.71 16.04 -5.18
CA CYS B 274 22.83 15.62 -3.80
C CYS B 274 24.31 15.40 -3.53
N ALA B 275 24.69 15.40 -2.23
CA ALA B 275 26.07 15.21 -1.78
C ALA B 275 26.20 14.17 -0.68
N LEU B 276 27.31 13.41 -0.69
CA LEU B 276 27.67 12.49 0.38
C LEU B 276 28.71 13.17 1.27
N ILE B 277 28.38 13.26 2.57
CA ILE B 277 29.34 13.70 3.59
C ILE B 277 29.55 12.53 4.58
N THR B 278 30.78 12.39 5.04
CA THR B 278 31.24 11.24 5.80
C THR B 278 31.96 11.81 7.02
N LYS B 279 31.82 11.16 8.18
CA LYS B 279 32.52 11.64 9.32
C LYS B 279 33.64 10.67 9.51
N ASP B 280 34.87 11.19 9.65
CA ASP B 280 36.06 10.38 10.04
C ASP B 280 35.93 9.81 11.47
#